data_3RYD
#
_entry.id   3RYD
#
_cell.length_a   50.878
_cell.length_b   68.046
_cell.length_c   143.898
_cell.angle_alpha   90.00
_cell.angle_beta   90.00
_cell.angle_gamma   90.00
#
_symmetry.space_group_name_H-M   'P 21 21 21'
#
loop_
_entity.id
_entity.type
_entity.pdbx_description
1 polymer 'Inositol monophosphatase family protein'
2 non-polymer 'CALCIUM ION'
3 non-polymer 'S,R MESO-TARTARIC ACID'
4 non-polymer 'POTASSIUM ION'
5 water water
#
_entity_poly.entity_id   1
_entity_poly.type   'polypeptide(L)'
_entity_poly.pdbx_seq_one_letter_code
;ELHHHHHHMTDKTLQQIDKLICSWLKQIDNVIPQLIMEMTTETKRHRFDLVTNVDKQIQQQFQQFLATYFPEHQLLAEEK
SNAMITNEINHLWIMDPIDGTANLVKQQEDYCIILAYFYEGKPMLSYVYDYPHKKLYKAIRGEGAFCNGIKMEEPPSLKL
EDAIISFNAQVMNLDTVQDLFDASFSYRLVGACGLDSMRVAKGQFGAHINTNPKPWDIAAQFLFAELLNLKMTTLDGKAI
DHLKGAPFIISNKACHETVLKILNANGGYQKYR
;
_entity_poly.pdbx_strand_id   A,C
#
loop_
_chem_comp.id
_chem_comp.type
_chem_comp.name
_chem_comp.formula
CA non-polymer 'CALCIUM ION' 'Ca 2'
K non-polymer 'POTASSIUM ION' 'K 1'
SRT non-polymer 'S,R MESO-TARTARIC ACID' 'C4 H6 O6'
#
# COMPACT_ATOMS: atom_id res chain seq x y z
N ASP A 11 33.55 -12.59 20.05
CA ASP A 11 34.39 -12.03 18.96
C ASP A 11 33.57 -11.54 17.72
N LYS A 12 32.45 -10.88 17.95
CA LYS A 12 31.64 -10.37 16.82
C LYS A 12 31.22 -8.92 17.10
N THR A 13 31.59 -8.04 16.18
CA THR A 13 31.26 -6.64 16.27
C THR A 13 29.89 -6.49 15.62
N LEU A 14 29.22 -5.35 15.78
CA LEU A 14 27.94 -5.11 15.12
C LEU A 14 28.12 -5.05 13.59
N GLN A 15 29.26 -4.48 13.18
CA GLN A 15 29.62 -4.40 11.77
C GLN A 15 29.58 -5.80 11.12
N GLN A 16 30.37 -6.74 11.67
CA GLN A 16 30.46 -8.15 11.24
C GLN A 16 29.14 -8.90 11.23
N ILE A 17 28.31 -8.64 12.24
CA ILE A 17 26.97 -9.22 12.30
C ILE A 17 26.10 -8.63 11.18
N ASP A 18 25.99 -7.31 11.10
CA ASP A 18 25.26 -6.72 9.97
C ASP A 18 25.71 -7.26 8.64
N LYS A 19 26.99 -7.57 8.52
CA LYS A 19 27.47 -7.98 7.23
C LYS A 19 26.98 -9.39 6.86
N LEU A 20 26.98 -10.29 7.83
CA LEU A 20 26.42 -11.62 7.57
C LEU A 20 24.91 -11.58 7.42
N ILE A 21 24.22 -10.69 8.14
CA ILE A 21 22.79 -10.62 8.01
C ILE A 21 22.45 -10.10 6.63
N CYS A 22 23.14 -9.04 6.22
CA CYS A 22 23.01 -8.50 4.88
C CYS A 22 23.29 -9.51 3.79
N SER A 23 24.28 -10.38 4.02
CA SER A 23 24.58 -11.47 3.14
C SER A 23 23.42 -12.50 3.09
N TRP A 24 22.83 -12.76 4.26
CA TRP A 24 21.71 -13.70 4.35
C TRP A 24 20.48 -13.14 3.65
N LEU A 25 20.19 -11.86 3.84
CA LEU A 25 19.04 -11.22 3.21
C LEU A 25 19.17 -11.24 1.70
N LYS A 26 20.38 -10.96 1.22
CA LYS A 26 20.63 -10.91 -0.21
C LYS A 26 20.42 -12.27 -0.90
N GLN A 27 20.83 -13.35 -0.28
CA GLN A 27 20.60 -14.66 -0.89
C GLN A 27 19.11 -15.08 -0.89
N ILE A 28 18.28 -14.55 0.00
CA ILE A 28 16.86 -14.93 0.02
C ILE A 28 16.10 -14.60 -1.27
N ASP A 29 16.63 -13.71 -2.13
CA ASP A 29 15.97 -13.51 -3.42
C ASP A 29 16.25 -14.58 -4.49
N ASN A 30 17.14 -15.52 -4.18
CA ASN A 30 17.27 -16.72 -4.99
C ASN A 30 16.47 -17.85 -4.41
N VAL A 31 15.82 -17.57 -3.28
CA VAL A 31 14.97 -18.58 -2.68
C VAL A 31 13.47 -18.24 -2.77
N ILE A 32 13.12 -16.97 -2.64
CA ILE A 32 11.72 -16.53 -2.55
C ILE A 32 10.84 -16.70 -3.82
N PRO A 33 11.33 -16.27 -5.00
CA PRO A 33 10.53 -16.47 -6.24
C PRO A 33 10.05 -17.90 -6.47
N GLN A 34 10.93 -18.87 -6.20
CA GLN A 34 10.59 -20.26 -6.32
C GLN A 34 9.57 -20.69 -5.25
N LEU A 35 9.72 -20.14 -4.03
CA LEU A 35 8.78 -20.40 -2.93
C LEU A 35 7.42 -19.74 -3.17
N ILE A 36 7.40 -18.62 -3.88
CA ILE A 36 6.14 -17.97 -4.25
C ILE A 36 5.44 -18.78 -5.32
N MET A 37 6.21 -19.42 -6.19
CA MET A 37 5.61 -20.21 -7.26
C MET A 37 4.94 -21.47 -6.73
N GLU A 38 5.54 -22.12 -5.75
CA GLU A 38 4.92 -23.29 -5.15
C GLU A 38 4.20 -22.98 -3.83
N MET A 39 3.68 -21.76 -3.72
CA MET A 39 2.88 -21.32 -2.60
C MET A 39 1.41 -21.56 -2.85
N THR A 40 0.65 -22.01 -1.86
CA THR A 40 1.10 -22.85 -0.76
C THR A 40 0.19 -24.06 -0.92
N THR A 41 -1.02 -23.77 -1.42
CA THR A 41 -1.97 -24.72 -1.97
C THR A 41 -2.87 -23.92 -2.92
N THR A 43 -3.14 -23.27 7.66
CA THR A 43 -3.67 -23.25 9.04
C THR A 43 -2.78 -23.97 10.10
N LYS A 44 -2.02 -24.99 9.65
CA LYS A 44 -1.19 -25.91 10.47
C LYS A 44 -0.25 -25.26 11.52
N ARG A 45 -0.52 -25.55 12.81
CA ARG A 45 0.26 -25.03 13.99
C ARG A 45 -0.08 -23.58 14.41
N HIS A 46 -1.15 -23.02 13.84
CA HIS A 46 -1.60 -21.66 14.09
C HIS A 46 -3.04 -21.70 14.60
N ARG A 47 -3.40 -20.90 15.61
CA ARG A 47 -4.81 -20.83 16.04
C ARG A 47 -5.58 -19.95 15.06
N PHE A 48 -5.08 -18.74 14.82
CA PHE A 48 -5.82 -17.73 14.03
C PHE A 48 -5.00 -17.22 12.84
N ASP A 49 -3.68 -17.22 12.99
CA ASP A 49 -2.80 -16.69 11.94
C ASP A 49 -2.70 -17.64 10.69
N LEU A 50 -2.59 -17.00 9.53
CA LEU A 50 -2.23 -17.66 8.29
C LEU A 50 -0.74 -18.02 8.29
N VAL A 51 -0.40 -19.08 7.58
CA VAL A 51 0.98 -19.50 7.40
C VAL A 51 1.17 -20.10 6.00
N THR A 52 2.37 -20.01 5.45
CA THR A 52 2.66 -20.60 4.15
C THR A 52 4.04 -21.28 4.16
N ASN A 53 4.35 -22.00 3.08
CA ASN A 53 5.66 -22.61 2.85
C ASN A 53 6.75 -21.57 2.85
N VAL A 54 6.38 -20.35 2.49
CA VAL A 54 7.34 -19.28 2.38
C VAL A 54 7.86 -18.88 3.77
N ASP A 55 6.92 -18.53 4.67
CA ASP A 55 7.30 -18.26 6.07
C ASP A 55 8.18 -19.42 6.57
N LYS A 56 7.70 -20.65 6.39
CA LYS A 56 8.32 -21.85 7.01
C LYS A 56 9.78 -22.06 6.56
N GLN A 57 10.02 -21.87 5.28
CA GLN A 57 11.34 -22.05 4.73
C GLN A 57 12.26 -20.91 5.14
N ILE A 58 11.74 -19.68 5.18
CA ILE A 58 12.57 -18.53 5.53
C ILE A 58 13.00 -18.67 6.97
N GLN A 59 12.08 -19.11 7.83
CA GLN A 59 12.46 -19.35 9.23
C GLN A 59 13.57 -20.40 9.33
N GLN A 60 13.31 -21.60 8.80
CA GLN A 60 14.30 -22.67 8.68
C GLN A 60 15.69 -22.19 8.19
N GLN A 61 15.69 -21.48 7.07
CA GLN A 61 16.91 -20.92 6.51
C GLN A 61 17.64 -19.98 7.49
N PHE A 62 16.90 -19.15 8.22
CA PHE A 62 17.50 -18.30 9.26
C PHE A 62 17.99 -19.08 10.50
N GLN A 63 17.25 -20.11 10.91
CA GLN A 63 17.76 -21.02 11.96
C GLN A 63 19.08 -21.69 11.52
N GLN A 64 19.18 -22.04 10.25
CA GLN A 64 20.42 -22.63 9.72
C GLN A 64 21.59 -21.57 9.71
N PHE A 65 21.25 -20.32 9.39
CA PHE A 65 22.17 -19.18 9.52
C PHE A 65 22.77 -19.02 10.93
N LEU A 66 21.93 -18.99 11.95
CA LEU A 66 22.40 -18.92 13.33
C LEU A 66 23.19 -20.13 13.73
N ALA A 67 22.81 -21.29 13.22
CA ALA A 67 23.57 -22.50 13.57
C ALA A 67 25.01 -22.41 13.06
N THR A 68 25.19 -21.74 11.93
CA THR A 68 26.49 -21.73 11.26
C THR A 68 27.41 -20.60 11.77
N TYR A 69 26.85 -19.42 12.07
CA TYR A 69 27.60 -18.19 12.41
C TYR A 69 27.52 -17.76 13.85
N PHE A 70 26.35 -17.96 14.45
CA PHE A 70 26.05 -17.48 15.79
C PHE A 70 25.47 -18.59 16.67
N PRO A 71 26.22 -19.70 16.85
CA PRO A 71 25.68 -20.84 17.58
C PRO A 71 25.16 -20.58 18.99
N GLU A 72 25.60 -19.48 19.63
CA GLU A 72 25.12 -19.20 20.99
C GLU A 72 23.86 -18.31 21.03
N HIS A 73 23.46 -17.75 19.89
CA HIS A 73 22.25 -16.92 19.82
C HIS A 73 20.96 -17.72 19.81
N GLN A 74 19.95 -17.21 20.48
CA GLN A 74 18.61 -17.81 20.44
C GLN A 74 17.71 -17.07 19.47
N LEU A 75 16.70 -17.79 18.99
CA LEU A 75 15.69 -17.28 18.08
C LEU A 75 14.27 -17.37 18.68
N LEU A 76 13.57 -16.25 18.76
CA LEU A 76 12.13 -16.19 19.11
C LEU A 76 11.34 -15.83 17.83
N ALA A 77 10.46 -16.74 17.39
CA ALA A 77 9.80 -16.58 16.08
C ALA A 77 8.39 -17.17 15.97
N GLU A 78 7.60 -16.72 14.98
CA GLU A 78 6.19 -17.19 14.78
C GLU A 78 5.96 -18.71 15.03
N GLU A 79 7.00 -19.53 14.84
CA GLU A 79 6.98 -20.99 15.14
C GLU A 79 8.10 -21.48 16.07
N LYS A 80 7.96 -21.28 17.38
CA LYS A 80 9.09 -21.57 18.33
C LYS A 80 8.74 -21.64 19.83
N SER A 81 7.98 -20.66 20.33
CA SER A 81 7.48 -20.59 21.73
C SER A 81 8.47 -20.82 22.89
N ASN A 82 9.77 -21.00 22.56
CA ASN A 82 10.81 -21.50 23.49
C ASN A 82 12.08 -20.63 23.56
N MET A 84 9.45 -20.64 26.52
CA MET A 84 10.56 -20.94 27.42
C MET A 84 11.66 -19.91 27.22
N ILE A 85 11.27 -18.74 26.73
CA ILE A 85 12.19 -17.68 26.33
C ILE A 85 12.46 -16.67 27.48
N THR A 86 13.28 -17.10 28.43
CA THR A 86 13.57 -16.32 29.64
C THR A 86 14.13 -14.93 29.30
N ASN A 87 13.74 -13.93 30.09
CA ASN A 87 14.30 -12.56 29.98
C ASN A 87 15.75 -12.48 30.45
N GLU A 88 16.44 -13.62 30.40
CA GLU A 88 17.82 -13.69 30.79
C GLU A 88 18.63 -14.28 29.63
N ILE A 89 18.17 -14.01 28.41
CA ILE A 89 18.91 -14.39 27.21
C ILE A 89 19.86 -13.28 26.73
N ASN A 90 21.15 -13.62 26.61
CA ASN A 90 22.18 -12.66 26.23
C ASN A 90 22.05 -12.17 24.78
N HIS A 91 21.99 -13.12 23.85
CA HIS A 91 21.87 -12.83 22.44
C HIS A 91 20.57 -13.40 21.88
N LEU A 92 19.66 -12.53 21.49
CA LEU A 92 18.37 -13.00 21.03
C LEU A 92 18.01 -12.29 19.75
N TRP A 93 17.55 -13.08 18.78
CA TRP A 93 16.87 -12.63 17.59
C TRP A 93 15.36 -12.93 17.72
N ILE A 94 14.55 -11.89 17.52
CA ILE A 94 13.11 -12.05 17.33
C ILE A 94 12.82 -11.85 15.84
N MET A 95 12.11 -12.82 15.27
CA MET A 95 11.92 -12.83 13.83
C MET A 95 10.47 -12.93 13.40
N ASP A 96 10.07 -12.11 12.47
CA ASP A 96 8.91 -12.47 11.66
C ASP A 96 9.32 -12.82 10.24
N PRO A 97 9.33 -14.13 9.90
CA PRO A 97 9.84 -14.59 8.57
C PRO A 97 9.06 -13.97 7.41
N ILE A 98 7.74 -13.89 7.57
CA ILE A 98 6.92 -13.08 6.69
C ILE A 98 5.91 -12.34 7.57
N ASP A 99 6.00 -11.01 7.58
CA ASP A 99 5.00 -10.17 8.19
C ASP A 99 4.09 -9.62 7.05
N GLY A 100 2.79 -9.70 7.25
CA GLY A 100 1.85 -9.45 6.18
C GLY A 100 1.59 -10.71 5.36
N THR A 101 1.43 -11.83 6.03
CA THR A 101 1.10 -13.08 5.37
C THR A 101 -0.16 -13.04 4.49
N ALA A 102 -1.24 -12.40 4.92
CA ALA A 102 -2.40 -12.23 4.03
C ALA A 102 -1.98 -11.52 2.74
N ASN A 103 -1.15 -10.48 2.86
CA ASN A 103 -0.66 -9.75 1.68
C ASN A 103 0.09 -10.60 0.72
N LEU A 104 1.01 -11.41 1.25
CA LEU A 104 1.79 -12.36 0.47
C LEU A 104 0.84 -13.25 -0.28
N VAL A 105 -0.17 -13.76 0.42
CA VAL A 105 -1.00 -14.85 -0.16
C VAL A 105 -1.94 -14.36 -1.24
N LYS A 106 -2.52 -13.18 -1.02
CA LYS A 106 -3.53 -12.62 -1.89
C LYS A 106 -2.98 -11.70 -2.95
N GLN A 107 -1.86 -11.04 -2.64
CA GLN A 107 -1.31 -9.95 -3.45
C GLN A 107 0.13 -10.12 -3.95
N GLN A 108 0.95 -10.90 -3.22
CA GLN A 108 2.41 -11.01 -3.47
C GLN A 108 3.13 -9.68 -3.50
N GLU A 109 2.75 -8.85 -2.54
CA GLU A 109 3.28 -7.53 -2.42
C GLU A 109 2.80 -7.10 -1.04
N ASP A 110 3.51 -6.13 -0.45
CA ASP A 110 3.22 -5.52 0.82
C ASP A 110 3.37 -6.48 2.04
N TYR A 111 4.30 -7.41 1.90
CA TYR A 111 4.78 -8.23 3.02
C TYR A 111 6.28 -7.93 3.19
N CYS A 112 6.82 -8.29 4.35
CA CYS A 112 8.19 -8.03 4.65
C CYS A 112 8.73 -9.10 5.61
N ILE A 113 10.05 -9.18 5.70
CA ILE A 113 10.74 -9.96 6.67
C ILE A 113 11.14 -9.04 7.81
N ILE A 114 10.99 -9.51 9.05
CA ILE A 114 11.39 -8.71 10.21
C ILE A 114 12.39 -9.45 11.08
N LEU A 115 13.52 -8.79 11.33
CA LEU A 115 14.55 -9.32 12.21
C LEU A 115 14.99 -8.24 13.17
N ALA A 116 15.11 -8.61 14.45
CA ALA A 116 15.57 -7.73 15.53
C ALA A 116 16.49 -8.47 16.52
N TYR A 117 17.67 -7.91 16.76
CA TYR A 117 18.66 -8.53 17.67
C TYR A 117 18.73 -7.69 18.92
N PHE A 118 18.80 -8.40 20.06
CA PHE A 118 18.77 -7.85 21.40
C PHE A 118 19.94 -8.43 22.19
N TYR A 119 20.72 -7.55 22.80
CA TYR A 119 21.85 -8.00 23.56
C TYR A 119 21.68 -7.60 25.00
N GLU A 120 21.59 -8.61 25.86
CA GLU A 120 21.13 -8.46 27.27
C GLU A 120 19.89 -7.56 27.38
N GLY A 121 18.90 -7.80 26.54
CA GLY A 121 17.67 -7.00 26.60
C GLY A 121 17.64 -5.72 25.78
N LYS A 122 18.79 -5.28 25.26
CA LYS A 122 18.90 -4.00 24.55
C LYS A 122 18.87 -4.17 23.01
N PRO A 123 17.98 -3.44 22.32
CA PRO A 123 17.91 -3.59 20.86
C PRO A 123 19.22 -3.11 20.25
N MET A 124 19.82 -3.86 19.33
CA MET A 124 21.11 -3.46 18.78
C MET A 124 21.06 -3.32 17.27
N LEU A 125 20.34 -4.23 16.62
CA LEU A 125 20.21 -4.25 15.14
C LEU A 125 18.79 -4.56 14.76
N SER A 126 18.24 -3.90 13.75
CA SER A 126 16.84 -4.16 13.37
C SER A 126 16.73 -4.07 11.87
N TYR A 127 15.97 -5.00 11.28
CA TYR A 127 15.77 -5.08 9.84
C TYR A 127 14.31 -5.22 9.49
N VAL A 128 13.80 -4.32 8.67
CA VAL A 128 12.52 -4.51 8.05
C VAL A 128 12.76 -4.65 6.56
N TYR A 129 12.62 -5.86 6.03
CA TYR A 129 12.91 -6.06 4.62
C TYR A 129 11.70 -6.06 3.66
N ASP A 130 11.47 -4.93 2.99
CA ASP A 130 10.42 -4.84 1.99
C ASP A 130 10.90 -5.50 0.69
N TYR A 131 10.83 -6.83 0.66
CA TYR A 131 11.29 -7.63 -0.49
C TYR A 131 10.62 -7.28 -1.83
N PRO A 132 9.27 -7.22 -1.87
CA PRO A 132 8.70 -6.93 -3.20
C PRO A 132 9.09 -5.57 -3.77
N HIS A 133 9.40 -4.59 -2.92
CA HIS A 133 9.83 -3.26 -3.38
C HIS A 133 11.37 -2.99 -3.26
N LYS A 134 12.15 -4.06 -3.01
CA LYS A 134 13.58 -4.01 -2.65
C LYS A 134 14.07 -2.77 -1.94
N LYS A 135 13.44 -2.53 -0.80
CA LYS A 135 13.79 -1.49 0.13
C LYS A 135 14.12 -2.24 1.41
N LEU A 136 15.35 -2.09 1.86
CA LEU A 136 15.73 -2.63 3.14
C LEU A 136 15.88 -1.47 4.12
N TYR A 137 15.16 -1.53 5.23
CA TYR A 137 15.33 -0.63 6.32
C TYR A 137 16.18 -1.29 7.36
N LYS A 138 17.21 -0.62 7.84
CA LYS A 138 17.94 -1.16 8.99
C LYS A 138 18.31 -0.09 9.97
N ALA A 139 18.38 -0.51 11.24
CA ALA A 139 18.85 0.37 12.27
C ALA A 139 19.98 -0.34 13.05
N ILE A 140 21.02 0.41 13.37
CA ILE A 140 22.19 -0.11 14.06
C ILE A 140 22.48 0.90 15.14
N ARG A 141 22.42 0.46 16.39
CA ARG A 141 22.79 1.27 17.55
C ARG A 141 24.18 1.78 17.34
N GLY A 142 24.40 3.09 17.49
CA GLY A 142 25.71 3.73 17.21
C GLY A 142 25.91 4.32 15.81
N GLU A 143 25.17 3.84 14.82
CA GLU A 143 25.25 4.36 13.42
C GLU A 143 23.97 5.12 13.01
N GLY A 144 22.80 4.55 13.22
CA GLY A 144 21.56 5.21 12.85
C GLY A 144 20.70 4.27 12.03
N ALA A 145 19.71 4.83 11.32
CA ALA A 145 18.73 4.02 10.59
C ALA A 145 18.85 4.28 9.09
N PHE A 146 18.72 3.23 8.31
CA PHE A 146 18.99 3.33 6.90
C PHE A 146 17.89 2.68 6.10
N CYS A 147 17.59 3.32 4.97
CA CYS A 147 16.68 2.80 3.96
C CYS A 147 17.47 2.76 2.66
N ASN A 148 17.78 1.55 2.22
CA ASN A 148 18.70 1.33 1.12
C ASN A 148 20.01 2.16 1.21
N GLY A 149 20.63 2.16 2.39
CA GLY A 149 21.92 2.82 2.61
C GLY A 149 21.86 4.32 2.75
N ILE A 150 20.69 4.88 2.48
CA ILE A 150 20.41 6.32 2.64
C ILE A 150 19.95 6.56 4.09
N LYS A 151 20.56 7.55 4.75
CA LYS A 151 20.31 7.75 6.17
C LYS A 151 18.95 8.38 6.40
N MET A 152 18.26 7.82 7.39
CA MET A 152 16.99 8.30 7.84
C MET A 152 17.14 9.26 9.03
N GLU A 153 16.56 10.45 8.93
CA GLU A 153 16.56 11.35 10.05
C GLU A 153 15.17 11.30 10.67
N GLU A 154 15.05 11.87 11.86
CA GLU A 154 13.75 12.04 12.49
C GLU A 154 12.77 12.70 11.50
N PRO A 155 11.55 12.15 11.37
CA PRO A 155 10.54 12.74 10.51
C PRO A 155 10.12 14.10 11.01
N PRO A 156 9.72 15.00 10.08
CA PRO A 156 9.16 16.29 10.42
C PRO A 156 7.97 16.11 11.36
N SER A 157 7.88 17.02 12.33
CA SER A 157 6.78 17.15 13.28
C SER A 157 5.44 17.13 12.54
N LEU A 158 4.50 16.32 13.02
CA LEU A 158 3.24 16.10 12.33
C LEU A 158 2.07 15.98 13.29
N LYS A 159 1.10 16.87 13.16
CA LYS A 159 -0.07 16.84 14.03
C LYS A 159 -1.15 15.94 13.43
N LEU A 160 -2.09 15.45 14.25
CA LEU A 160 -3.08 14.48 13.76
C LEU A 160 -3.84 14.98 12.53
N GLU A 161 -4.31 16.20 12.62
CA GLU A 161 -5.11 16.79 11.58
C GLU A 161 -4.37 16.96 10.27
N ASP A 162 -3.05 16.81 10.31
CA ASP A 162 -2.22 16.96 9.11
C ASP A 162 -1.64 15.64 8.63
N ALA A 163 -1.88 14.56 9.38
CA ALA A 163 -1.21 13.29 9.17
C ALA A 163 -2.14 12.22 8.65
N ILE A 164 -1.61 11.34 7.82
CA ILE A 164 -2.30 10.11 7.49
C ILE A 164 -2.07 9.10 8.59
N ILE A 165 -3.13 8.39 8.97
CA ILE A 165 -2.91 7.29 9.90
C ILE A 165 -3.30 5.94 9.29
N SER A 166 -2.82 4.88 9.93
CA SER A 166 -3.11 3.51 9.54
C SER A 166 -3.46 2.70 10.77
N PHE A 167 -4.43 1.80 10.58
CA PHE A 167 -4.89 0.87 11.61
C PHE A 167 -5.93 0.00 10.97
N ASN A 168 -6.28 -1.06 11.70
CA ASN A 168 -7.28 -2.06 11.31
C ASN A 168 -8.65 -1.59 11.74
N ALA A 169 -9.41 -1.05 10.80
CA ALA A 169 -10.73 -0.48 11.05
C ALA A 169 -11.79 -1.53 11.46
N GLN A 170 -11.35 -2.77 11.57
CA GLN A 170 -12.25 -3.89 11.60
C GLN A 170 -12.32 -4.43 13.01
N VAL A 171 -11.31 -4.06 13.81
CA VAL A 171 -11.20 -4.56 15.19
C VAL A 171 -11.40 -3.48 16.28
N MET A 172 -11.92 -2.33 15.90
CA MET A 172 -12.27 -1.33 16.89
C MET A 172 -13.74 -1.05 16.80
N ASN A 173 -14.35 -0.60 17.89
CA ASN A 173 -15.73 -0.09 17.78
C ASN A 173 -15.80 1.03 16.72
N LEU A 174 -16.90 1.09 15.98
CA LEU A 174 -16.93 1.97 14.83
C LEU A 174 -16.96 3.43 15.19
N ASP A 175 -17.35 3.72 16.42
CA ASP A 175 -17.36 5.09 16.89
C ASP A 175 -15.92 5.63 17.07
N THR A 176 -15.00 4.78 17.57
CA THR A 176 -13.59 5.11 17.62
C THR A 176 -12.99 5.28 16.21
N VAL A 177 -13.45 4.46 15.27
CA VAL A 177 -12.99 4.50 13.88
C VAL A 177 -13.40 5.80 13.21
N GLN A 178 -14.63 6.23 13.47
CA GLN A 178 -15.13 7.53 13.05
C GLN A 178 -14.35 8.70 13.68
N ASP A 179 -14.16 8.70 15.00
CA ASP A 179 -13.48 9.82 15.62
C ASP A 179 -12.10 10.00 14.99
N LEU A 180 -11.43 8.86 14.78
CA LEU A 180 -10.13 8.82 14.19
C LEU A 180 -10.16 9.24 12.71
N PHE A 181 -11.27 8.95 12.06
CA PHE A 181 -11.47 9.41 10.72
C PHE A 181 -11.53 10.92 10.70
N ASP A 182 -12.31 11.48 11.63
CA ASP A 182 -12.53 12.93 11.79
C ASP A 182 -11.30 13.70 12.19
N ALA A 183 -10.53 13.15 13.13
CA ALA A 183 -9.41 13.89 13.72
C ALA A 183 -8.14 13.87 12.85
N SER A 184 -8.01 12.86 11.98
CA SER A 184 -6.82 12.72 11.13
C SER A 184 -7.04 13.30 9.75
N PHE A 185 -5.95 13.42 8.99
CA PHE A 185 -6.03 13.99 7.66
C PHE A 185 -6.67 13.02 6.70
N SER A 186 -6.21 11.77 6.78
CA SER A 186 -6.75 10.73 5.98
C SER A 186 -6.35 9.41 6.57
N TYR A 187 -6.78 8.35 5.90
CA TYR A 187 -6.58 7.01 6.35
C TYR A 187 -6.13 6.11 5.20
N ARG A 188 -5.12 5.31 5.47
CA ARG A 188 -4.60 4.33 4.53
C ARG A 188 -4.25 3.10 5.35
N LEU A 189 -4.15 1.94 4.70
CA LEU A 189 -3.60 0.71 5.29
C LEU A 189 -2.76 -0.12 4.33
N VAL A 190 -1.50 -0.41 4.70
CA VAL A 190 -0.66 -1.27 3.86
C VAL A 190 -0.97 -2.74 4.17
N GLY A 191 -1.00 -3.04 5.46
CA GLY A 191 -1.43 -4.35 5.92
C GLY A 191 -0.34 -5.28 6.41
N ALA A 192 0.88 -4.79 6.46
CA ALA A 192 1.91 -5.45 7.26
C ALA A 192 2.39 -4.44 8.28
N CYS A 193 2.38 -4.85 9.55
CA CYS A 193 2.79 -3.99 10.69
C CYS A 193 4.15 -3.35 10.49
N GLY A 194 5.12 -4.14 10.08
CA GLY A 194 6.47 -3.61 9.83
C GLY A 194 6.47 -2.53 8.77
N LEU A 195 5.68 -2.73 7.71
CA LEU A 195 5.56 -1.71 6.64
C LEU A 195 4.75 -0.44 7.02
N ASP A 196 3.54 -0.60 7.56
CA ASP A 196 2.77 0.52 8.11
C ASP A 196 3.63 1.27 9.20
N SER A 197 4.48 0.55 9.94
CA SER A 197 5.37 1.19 10.91
C SER A 197 6.48 1.99 10.23
N MET A 198 7.07 1.44 9.16
CA MET A 198 8.14 2.14 8.43
C MET A 198 7.65 3.42 7.79
N ARG A 199 6.37 3.42 7.37
CA ARG A 199 5.72 4.66 6.93
C ARG A 199 5.74 5.79 8.00
N VAL A 200 5.54 5.42 9.26
CA VAL A 200 5.58 6.33 10.38
C VAL A 200 7.00 6.79 10.55
N ALA A 201 7.95 5.85 10.42
CA ALA A 201 9.38 6.18 10.53
C ALA A 201 9.94 7.20 9.52
N LYS A 202 9.39 7.23 8.30
CA LYS A 202 9.90 8.13 7.26
C LYS A 202 9.04 9.37 7.05
N GLY A 203 8.01 9.50 7.91
CA GLY A 203 7.15 10.68 7.92
C GLY A 203 5.99 10.65 6.95
N GLN A 204 5.70 9.47 6.39
CA GLN A 204 4.63 9.30 5.43
C GLN A 204 3.26 9.17 6.15
N PHE A 205 3.28 8.44 7.27
CA PHE A 205 2.12 8.31 8.16
C PHE A 205 2.41 9.01 9.50
N GLY A 206 1.37 9.50 10.16
CA GLY A 206 1.52 10.06 11.50
C GLY A 206 1.59 8.99 12.57
N ALA A 207 0.81 7.91 12.41
CA ALA A 207 0.78 6.83 13.39
C ALA A 207 0.30 5.52 12.81
N HIS A 208 0.72 4.42 13.41
CA HIS A 208 0.17 3.11 13.06
C HIS A 208 -0.17 2.40 14.34
N ILE A 209 -1.27 1.67 14.32
CA ILE A 209 -1.82 1.01 15.48
C ILE A 209 -2.04 -0.47 15.19
N ASN A 210 -1.48 -1.31 16.06
CA ASN A 210 -1.90 -2.68 16.17
C ASN A 210 -2.42 -2.94 17.58
N THR A 211 -3.69 -3.36 17.68
CA THR A 211 -4.36 -3.55 18.99
C THR A 211 -3.98 -4.86 19.70
N ASN A 212 -3.30 -5.74 18.99
CA ASN A 212 -2.99 -7.07 19.51
C ASN A 212 -1.82 -7.72 18.77
N PRO A 213 -0.62 -7.17 18.93
CA PRO A 213 0.55 -7.70 18.23
C PRO A 213 1.24 -8.83 18.97
N LYS A 214 2.18 -9.46 18.29
CA LYS A 214 3.04 -10.43 18.93
C LYS A 214 4.38 -9.79 18.95
N PRO A 215 5.33 -10.33 19.75
CA PRO A 215 6.67 -9.75 19.80
C PRO A 215 7.29 -9.56 18.42
N TRP A 216 7.17 -10.56 17.55
CA TRP A 216 7.74 -10.49 16.22
C TRP A 216 7.05 -9.46 15.32
N ASP A 217 5.83 -9.04 15.67
CA ASP A 217 5.16 -7.96 14.89
C ASP A 217 5.84 -6.63 15.10
N ILE A 218 6.55 -6.47 16.23
CA ILE A 218 7.02 -5.13 16.64
C ILE A 218 8.47 -5.08 17.10
N ALA A 219 9.14 -6.22 17.03
CA ALA A 219 10.46 -6.33 17.64
C ALA A 219 11.38 -5.28 17.00
N ALA A 220 11.40 -5.23 15.68
CA ALA A 220 12.31 -4.35 14.99
C ALA A 220 12.06 -2.86 15.23
N GLN A 221 10.85 -2.48 15.64
CA GLN A 221 10.48 -1.05 15.73
C GLN A 221 11.08 -0.32 16.93
N PHE A 222 11.41 -1.06 17.98
CA PHE A 222 11.98 -0.45 19.17
C PHE A 222 13.17 0.40 18.79
N LEU A 223 14.16 -0.19 18.11
CA LEU A 223 15.40 0.51 17.72
C LEU A 223 15.14 1.66 16.72
N PHE A 224 14.24 1.46 15.75
CA PHE A 224 13.84 2.54 14.85
C PHE A 224 13.19 3.69 15.62
N ALA A 225 12.36 3.34 16.61
CA ALA A 225 11.70 4.37 17.40
C ALA A 225 12.68 5.20 18.29
N GLU A 226 13.67 4.55 18.92
CA GLU A 226 14.71 5.26 19.69
C GLU A 226 15.47 6.26 18.84
N LEU A 227 15.98 5.78 17.70
CA LEU A 227 16.93 6.55 16.86
C LEU A 227 16.25 7.64 16.04
N LEU A 228 14.98 7.43 15.69
CA LEU A 228 14.25 8.38 14.86
C LEU A 228 13.35 9.26 15.71
N ASN A 229 13.45 9.09 17.03
CA ASN A 229 12.72 9.92 18.00
C ASN A 229 11.20 9.76 17.84
N LEU A 230 10.76 8.53 17.59
CA LEU A 230 9.36 8.26 17.41
C LEU A 230 8.75 7.90 18.76
N LYS A 231 7.42 7.88 18.87
CA LYS A 231 6.79 7.40 20.11
C LYS A 231 6.32 5.98 19.95
N MET A 232 6.85 5.08 20.75
CA MET A 232 6.42 3.70 20.68
C MET A 232 6.05 3.19 22.04
N THR A 233 4.74 3.02 22.27
CA THR A 233 4.18 2.70 23.58
C THR A 233 2.98 1.76 23.45
N THR A 234 2.48 1.30 24.60
CA THR A 234 1.22 0.64 24.68
C THR A 234 0.15 1.70 24.43
N LEU A 235 -1.12 1.30 24.33
CA LEU A 235 -2.19 2.25 24.09
C LEU A 235 -2.57 3.02 25.38
N ASP A 236 -1.88 2.68 26.45
CA ASP A 236 -1.91 3.44 27.68
C ASP A 236 -0.75 4.44 27.76
N GLY A 237 0.15 4.38 26.79
CA GLY A 237 1.29 5.30 26.77
C GLY A 237 2.50 4.80 27.54
N LYS A 238 2.58 3.49 27.79
CA LYS A 238 3.67 2.98 28.60
C LYS A 238 4.76 2.28 27.78
N ALA A 239 5.83 1.85 28.45
CA ALA A 239 6.83 1.05 27.78
C ALA A 239 6.26 -0.34 27.42
N ILE A 240 6.75 -0.90 26.31
CA ILE A 240 6.42 -2.25 25.88
C ILE A 240 7.59 -3.19 26.11
N ASP A 241 7.30 -4.37 26.65
CA ASP A 241 8.29 -5.40 26.92
C ASP A 241 8.45 -6.01 25.58
N HIS A 242 9.70 -6.12 25.12
CA HIS A 242 9.96 -6.64 23.79
C HIS A 242 9.72 -8.14 23.70
N LEU A 243 9.52 -8.76 24.85
CA LEU A 243 9.30 -10.20 24.93
C LEU A 243 7.86 -10.66 25.01
N LYS A 244 6.90 -9.76 25.16
CA LYS A 244 5.51 -10.19 25.40
C LYS A 244 4.54 -9.57 24.42
N GLY A 245 4.56 -8.24 24.31
CA GLY A 245 3.71 -7.62 23.32
C GLY A 245 2.35 -7.21 23.87
N ALA A 246 2.02 -5.96 23.60
CA ALA A 246 0.87 -5.37 24.20
C ALA A 246 0.24 -4.54 23.09
N PRO A 247 -1.06 -4.20 23.21
CA PRO A 247 -1.59 -3.23 22.25
C PRO A 247 -0.66 -2.05 22.16
N PHE A 248 -0.36 -1.66 20.93
CA PHE A 248 0.74 -0.76 20.62
C PHE A 248 0.41 0.32 19.57
N ILE A 249 1.11 1.43 19.71
CA ILE A 249 1.11 2.48 18.68
C ILE A 249 2.56 2.84 18.41
N ILE A 250 2.89 3.09 17.15
CA ILE A 250 4.15 3.74 16.83
C ILE A 250 3.78 5.02 16.12
N SER A 251 4.27 6.16 16.62
CA SER A 251 3.71 7.44 16.25
C SER A 251 4.72 8.60 16.14
N ASN A 252 4.44 9.54 15.24
CA ASN A 252 5.04 10.87 15.30
C ASN A 252 4.87 11.47 16.70
N LYS A 253 5.91 12.14 17.19
CA LYS A 253 5.88 12.76 18.52
C LYS A 253 4.67 13.68 18.67
N ALA A 254 4.26 14.35 17.59
CA ALA A 254 3.28 15.43 17.67
C ALA A 254 1.81 15.00 17.61
N CYS A 255 1.53 13.76 17.16
CA CYS A 255 0.16 13.24 17.20
C CYS A 255 -0.05 12.05 18.12
N HIS A 256 0.94 11.72 18.95
CA HIS A 256 0.85 10.54 19.80
C HIS A 256 -0.27 10.58 20.85
N GLU A 257 -0.29 11.58 21.72
CA GLU A 257 -1.33 11.57 22.75
C GLU A 257 -2.74 11.91 22.24
N THR A 258 -2.82 12.52 21.07
CA THR A 258 -4.09 12.81 20.43
C THR A 258 -4.69 11.51 19.95
N VAL A 259 -3.88 10.67 19.35
CA VAL A 259 -4.35 9.34 18.95
C VAL A 259 -4.77 8.52 20.17
N LEU A 260 -3.99 8.55 21.25
CA LEU A 260 -4.35 7.79 22.44
C LEU A 260 -5.59 8.31 23.15
N LYS A 261 -5.75 9.62 23.18
CA LYS A 261 -6.91 10.29 23.79
C LYS A 261 -8.21 9.91 23.08
N ILE A 262 -8.16 9.82 21.75
CA ILE A 262 -9.29 9.37 20.94
C ILE A 262 -9.53 7.86 21.11
N LEU A 263 -8.45 7.10 21.18
CA LEU A 263 -8.58 5.65 21.36
C LEU A 263 -9.21 5.28 22.70
N ASN A 264 -8.80 5.96 23.77
CA ASN A 264 -9.18 5.60 25.14
C ASN A 264 -10.48 6.24 25.61
N ALA A 265 -10.96 7.21 24.85
CA ALA A 265 -12.16 7.98 25.16
C ALA A 265 -13.44 7.14 24.99
N ASN A 266 -14.54 7.61 25.61
CA ASN A 266 -15.88 7.01 25.47
C ASN A 266 -15.94 5.48 25.70
N GLY A 267 -15.26 5.00 26.73
CA GLY A 267 -15.26 3.57 27.04
C GLY A 267 -14.17 2.74 26.38
N GLY A 268 -13.27 3.39 25.64
CA GLY A 268 -12.15 2.69 25.02
C GLY A 268 -12.46 2.35 23.58
N TYR A 269 -11.65 1.44 23.01
CA TYR A 269 -11.66 1.13 21.56
C TYR A 269 -12.07 -0.30 21.14
N GLN A 270 -12.27 -1.21 22.09
CA GLN A 270 -12.65 -2.61 21.76
C GLN A 270 -13.94 -2.65 20.96
N LYS A 271 -14.13 -3.70 20.16
CA LYS A 271 -15.29 -3.73 19.26
C LYS A 271 -16.53 -4.21 19.96
N TYR A 272 -16.38 -5.21 20.81
CA TYR A 272 -17.49 -5.81 21.53
C TYR A 272 -17.30 -5.39 22.97
N ARG A 273 -18.29 -4.72 23.54
CA ARG A 273 -18.18 -4.24 24.93
C ARG A 273 -19.49 -4.28 25.69
N ASP B 11 -3.94 8.70 -40.87
CA ASP B 11 -3.60 8.87 -39.41
C ASP B 11 -2.87 7.64 -38.83
N LYS B 12 -2.25 7.82 -37.65
CA LYS B 12 -1.18 6.92 -37.16
C LYS B 12 -1.60 5.55 -36.62
N THR B 13 -0.61 4.67 -36.51
CA THR B 13 -0.80 3.33 -35.96
C THR B 13 -0.64 3.36 -34.44
N LEU B 14 -1.32 2.47 -33.73
CA LEU B 14 -1.17 2.41 -32.29
C LEU B 14 0.27 2.15 -31.89
N GLN B 15 0.99 1.35 -32.68
CA GLN B 15 2.41 1.12 -32.46
C GLN B 15 3.19 2.43 -32.36
N GLN B 16 3.01 3.28 -33.35
CA GLN B 16 3.68 4.57 -33.40
C GLN B 16 3.25 5.48 -32.25
N ILE B 17 1.97 5.53 -31.94
CA ILE B 17 1.48 6.38 -30.83
C ILE B 17 2.05 5.91 -29.49
N ASP B 18 1.92 4.62 -29.19
CA ASP B 18 2.41 4.08 -27.91
C ASP B 18 3.91 4.30 -27.77
N LYS B 19 4.64 4.04 -28.84
CA LYS B 19 6.07 4.24 -28.94
C LYS B 19 6.39 5.65 -28.46
N LEU B 20 5.70 6.64 -29.03
CA LEU B 20 5.93 8.05 -28.67
C LEU B 20 5.47 8.45 -27.27
N ILE B 21 4.37 7.84 -26.81
CA ILE B 21 3.85 8.01 -25.45
C ILE B 21 4.84 7.48 -24.41
N CYS B 22 5.28 6.24 -24.56
CA CYS B 22 6.22 5.64 -23.62
C CYS B 22 7.50 6.45 -23.44
N SER B 23 7.99 7.02 -24.54
CA SER B 23 9.14 7.90 -24.49
C SER B 23 8.86 9.18 -23.73
N TRP B 24 7.62 9.67 -23.81
CA TRP B 24 7.30 10.96 -23.21
C TRP B 24 7.23 10.83 -21.69
N LEU B 25 6.49 9.83 -21.22
CA LEU B 25 6.42 9.43 -19.81
C LEU B 25 7.81 9.27 -19.19
N LYS B 26 8.67 8.50 -19.86
CA LYS B 26 10.08 8.34 -19.47
C LYS B 26 10.89 9.66 -19.48
N GLN B 27 10.31 10.74 -19.98
CA GLN B 27 10.97 12.05 -19.82
C GLN B 27 10.16 13.00 -18.91
N ILE B 28 9.43 12.40 -17.97
CA ILE B 28 8.88 13.15 -16.84
C ILE B 28 9.57 12.80 -15.51
N ASP B 29 10.55 11.91 -15.55
CA ASP B 29 11.50 11.74 -14.47
C ASP B 29 12.34 13.01 -14.36
N ASN B 30 11.99 14.02 -15.16
CA ASN B 30 12.65 15.32 -15.17
C ASN B 30 11.74 16.43 -14.69
N VAL B 31 10.73 16.12 -13.91
CA VAL B 31 9.86 17.17 -13.40
C VAL B 31 9.36 16.85 -12.02
N ILE B 32 9.27 15.55 -11.73
CA ILE B 32 8.85 15.12 -10.39
C ILE B 32 9.95 15.27 -9.33
N PRO B 33 11.16 14.71 -9.57
CA PRO B 33 12.20 14.91 -8.56
C PRO B 33 12.16 16.32 -7.98
N GLN B 34 12.13 17.32 -8.87
CA GLN B 34 12.02 18.74 -8.52
C GLN B 34 10.77 19.06 -7.68
N LEU B 35 9.59 18.58 -8.09
CA LEU B 35 8.34 18.82 -7.36
C LEU B 35 8.35 18.15 -5.99
N ILE B 36 8.90 16.93 -5.94
CA ILE B 36 9.13 16.24 -4.67
C ILE B 36 9.94 17.12 -3.69
N MET B 37 10.53 18.20 -4.23
CA MET B 37 11.01 19.34 -3.46
C MET B 37 10.06 19.69 -2.32
N GLU B 38 8.93 20.33 -2.69
CA GLU B 38 7.93 20.96 -1.80
C GLU B 38 8.35 21.26 -0.35
N MET B 39 9.63 21.63 -0.15
CA MET B 39 10.11 22.06 1.17
C MET B 39 9.97 23.57 1.32
N THR B 40 8.84 24.11 0.88
CA THR B 40 8.44 25.47 1.23
C THR B 40 7.13 25.43 2.02
N ASP B 49 -0.94 21.15 -0.58
CA ASP B 49 -0.44 21.77 -1.80
C ASP B 49 -1.26 21.30 -3.02
N LEU B 50 -1.44 22.10 -4.09
CA LEU B 50 -1.04 23.53 -4.27
C LEU B 50 0.22 23.72 -5.16
N VAL B 51 1.41 23.49 -4.62
CA VAL B 51 2.59 23.29 -5.48
C VAL B 51 2.32 22.04 -6.36
N THR B 52 1.46 21.14 -5.88
CA THR B 52 0.98 20.00 -6.64
C THR B 52 -0.04 20.39 -7.74
N ASN B 53 -0.94 21.32 -7.42
CA ASN B 53 -1.88 21.92 -8.38
C ASN B 53 -1.20 22.45 -9.64
N VAL B 54 0.05 22.90 -9.51
CA VAL B 54 0.75 23.53 -10.62
C VAL B 54 1.34 22.51 -11.61
N ASP B 55 0.96 21.24 -11.47
CA ASP B 55 1.42 20.18 -12.35
C ASP B 55 0.25 19.32 -12.79
N LYS B 56 -0.40 19.58 -13.94
CA LYS B 56 -0.64 20.90 -14.60
C LYS B 56 0.41 21.53 -15.50
N GLN B 57 1.65 21.68 -15.01
CA GLN B 57 2.77 21.80 -15.93
C GLN B 57 2.64 20.56 -16.82
N ILE B 58 2.60 19.39 -16.17
CA ILE B 58 2.50 18.09 -16.80
C ILE B 58 1.39 18.05 -17.83
N GLN B 59 0.20 18.48 -17.43
CA GLN B 59 -0.93 18.60 -18.34
C GLN B 59 -0.54 19.46 -19.56
N GLN B 60 0.00 20.65 -19.31
CA GLN B 60 0.35 21.59 -20.37
C GLN B 60 1.49 21.09 -21.25
N GLN B 61 2.48 20.44 -20.67
CA GLN B 61 3.54 19.80 -21.47
C GLN B 61 2.97 18.69 -22.41
N PHE B 62 1.99 17.92 -21.92
CA PHE B 62 1.29 16.94 -22.77
C PHE B 62 0.38 17.60 -23.82
N GLN B 63 -0.15 18.77 -23.48
CA GLN B 63 -0.81 19.64 -24.44
C GLN B 63 0.18 20.00 -25.58
N GLN B 64 1.46 20.26 -25.24
CA GLN B 64 2.49 20.54 -26.25
C GLN B 64 2.80 19.30 -27.09
N PHE B 65 2.96 18.15 -26.44
CA PHE B 65 3.18 16.88 -27.13
C PHE B 65 2.09 16.60 -28.17
N LEU B 66 0.82 16.80 -27.83
CA LEU B 66 -0.24 16.63 -28.83
C LEU B 66 -0.08 17.56 -30.05
N ALA B 67 0.17 18.84 -29.80
CA ALA B 67 0.34 19.79 -30.90
C ALA B 67 1.50 19.33 -31.79
N THR B 68 2.69 19.23 -31.20
CA THR B 68 3.87 18.71 -31.89
C THR B 68 3.62 17.45 -32.74
N TYR B 69 2.84 16.50 -32.22
CA TYR B 69 2.70 15.15 -32.81
C TYR B 69 1.34 14.72 -33.39
N PHE B 70 0.25 15.12 -32.73
CA PHE B 70 -1.08 14.65 -33.10
C PHE B 70 -2.06 15.85 -33.19
N PRO B 71 -1.95 16.63 -34.28
CA PRO B 71 -2.50 18.00 -34.26
C PRO B 71 -4.01 18.12 -34.06
N GLU B 72 -4.75 17.03 -34.31
CA GLU B 72 -6.21 17.04 -34.24
C GLU B 72 -6.75 16.45 -32.91
N HIS B 73 -5.84 15.89 -32.11
CA HIS B 73 -6.20 15.24 -30.85
C HIS B 73 -6.51 16.32 -29.84
N GLN B 74 -7.43 16.03 -28.91
CA GLN B 74 -7.81 16.98 -27.91
C GLN B 74 -7.63 16.36 -26.52
N LEU B 75 -7.51 17.21 -25.50
CA LEU B 75 -7.23 16.74 -24.16
C LEU B 75 -8.28 17.15 -23.16
N LEU B 76 -8.80 16.17 -22.44
CA LEU B 76 -9.68 16.44 -21.31
C LEU B 76 -8.92 16.19 -20.02
N ALA B 77 -8.84 17.24 -19.20
CA ALA B 77 -8.10 17.20 -17.95
C ALA B 77 -8.74 18.24 -17.05
N GLU B 78 -8.39 18.22 -15.76
CA GLU B 78 -8.93 19.11 -14.75
C GLU B 78 -8.63 20.55 -15.10
N GLU B 79 -9.67 21.28 -15.49
CA GLU B 79 -9.56 22.63 -16.10
C GLU B 79 -8.70 22.59 -17.39
N LYS B 80 -9.26 22.89 -18.57
CA LYS B 80 -10.63 23.40 -18.81
C LYS B 80 -11.18 22.84 -20.13
N SER B 81 -12.39 22.26 -20.10
CA SER B 81 -13.05 21.71 -21.29
C SER B 81 -14.56 21.50 -21.15
N ASN B 82 -15.38 21.88 -22.14
CA ASN B 82 -15.06 22.71 -23.33
C ASN B 82 -13.59 22.96 -23.65
N ILE B 85 -16.51 21.67 -25.45
CA ILE B 85 -17.54 20.77 -25.97
C ILE B 85 -16.92 19.40 -26.13
N THR B 86 -17.49 18.45 -25.42
CA THR B 86 -16.84 17.19 -25.18
C THR B 86 -17.27 16.05 -26.13
N ASN B 87 -18.57 15.92 -26.36
CA ASN B 87 -19.04 15.07 -27.43
C ASN B 87 -19.14 15.99 -28.66
N GLU B 88 -18.78 15.52 -29.86
CA GLU B 88 -18.16 14.22 -30.15
C GLU B 88 -16.85 14.51 -30.87
N ILE B 89 -15.75 14.13 -30.22
CA ILE B 89 -14.41 14.39 -30.73
C ILE B 89 -13.88 13.06 -31.26
N ASN B 90 -13.13 13.09 -32.36
CA ASN B 90 -12.65 11.86 -32.96
C ASN B 90 -11.50 11.23 -32.18
N HIS B 91 -10.50 12.05 -31.85
CA HIS B 91 -9.29 11.66 -31.13
C HIS B 91 -9.20 12.38 -29.80
N LEU B 92 -9.48 11.65 -28.72
CA LEU B 92 -9.60 12.25 -27.40
C LEU B 92 -8.70 11.57 -26.35
N TRP B 93 -7.97 12.43 -25.64
CA TRP B 93 -7.12 12.01 -24.58
C TRP B 93 -7.71 12.54 -23.28
N ILE B 94 -7.73 11.69 -22.28
CA ILE B 94 -8.20 12.07 -20.98
C ILE B 94 -7.07 11.84 -19.98
N MET B 95 -6.72 12.84 -19.18
CA MET B 95 -5.55 12.70 -18.30
C MET B 95 -5.81 13.12 -16.86
N ASP B 96 -5.22 12.38 -15.93
CA ASP B 96 -4.93 12.85 -14.55
C ASP B 96 -3.40 12.89 -14.42
N PRO B 97 -2.79 14.08 -14.50
CA PRO B 97 -1.32 14.17 -14.45
C PRO B 97 -0.78 13.64 -13.13
N ILE B 98 -1.56 13.83 -12.06
CA ILE B 98 -1.25 13.29 -10.74
C ILE B 98 -2.54 12.81 -10.06
N ASP B 99 -2.70 11.49 -10.00
CA ASP B 99 -3.80 10.88 -9.29
C ASP B 99 -3.26 10.34 -7.96
N GLY B 100 -3.90 10.70 -6.87
CA GLY B 100 -3.38 10.43 -5.54
C GLY B 100 -2.65 11.58 -4.90
N THR B 101 -3.29 12.73 -4.87
CA THR B 101 -2.61 13.94 -4.49
C THR B 101 -2.18 13.94 -3.03
N ALA B 102 -3.02 13.41 -2.15
CA ALA B 102 -2.70 13.42 -0.71
C ALA B 102 -1.46 12.52 -0.46
N ASN B 103 -1.44 11.38 -1.14
CA ASN B 103 -0.31 10.48 -1.20
C ASN B 103 1.00 11.16 -1.65
N LEU B 104 0.97 11.90 -2.75
CA LEU B 104 2.14 12.67 -3.19
C LEU B 104 2.58 13.72 -2.13
N VAL B 105 1.61 14.51 -1.66
CA VAL B 105 1.85 15.55 -0.67
C VAL B 105 2.37 14.99 0.67
N LYS B 106 1.63 14.03 1.23
CA LYS B 106 1.97 13.48 2.55
C LYS B 106 3.06 12.41 2.52
N GLN B 107 3.10 11.63 1.45
CA GLN B 107 3.86 10.36 1.44
C GLN B 107 5.02 10.30 0.47
N GLN B 108 4.93 11.12 -0.59
CA GLN B 108 5.81 11.04 -1.76
C GLN B 108 5.91 9.62 -2.32
N GLU B 109 4.77 8.96 -2.38
CA GLU B 109 4.66 7.61 -2.83
C GLU B 109 3.16 7.37 -3.04
N ASP B 110 2.84 6.33 -3.79
CA ASP B 110 1.46 5.86 -4.05
C ASP B 110 0.61 6.86 -4.82
N TYR B 111 1.23 7.48 -5.81
CA TYR B 111 0.54 8.37 -6.73
C TYR B 111 0.92 7.87 -8.12
N CYS B 112 0.20 8.34 -9.14
CA CYS B 112 0.37 7.84 -10.52
C CYS B 112 -0.09 8.82 -11.62
N ILE B 113 0.33 8.52 -12.86
CA ILE B 113 -0.09 9.23 -14.06
C ILE B 113 -1.08 8.35 -14.78
N ILE B 114 -2.23 8.93 -15.09
CA ILE B 114 -3.27 8.26 -15.86
C ILE B 114 -3.49 8.95 -17.22
N LEU B 115 -3.38 8.16 -18.27
CA LEU B 115 -3.62 8.64 -19.62
C LEU B 115 -4.49 7.64 -20.35
N ALA B 116 -5.44 8.13 -21.14
CA ALA B 116 -6.25 7.21 -21.93
C ALA B 116 -6.60 7.87 -23.22
N TYR B 117 -6.57 7.09 -24.29
CA TYR B 117 -6.89 7.58 -25.62
C TYR B 117 -8.17 6.92 -26.13
N PHE B 118 -9.10 7.74 -26.60
CA PHE B 118 -10.36 7.28 -27.18
C PHE B 118 -10.47 7.68 -28.63
N TYR B 119 -10.73 6.70 -29.50
CA TYR B 119 -11.01 6.96 -30.91
C TYR B 119 -12.49 6.72 -31.23
N GLU B 120 -13.13 7.73 -31.82
CA GLU B 120 -14.56 7.71 -32.13
C GLU B 120 -15.33 7.18 -30.93
N GLY B 121 -14.79 7.51 -29.75
CA GLY B 121 -15.35 7.11 -28.47
C GLY B 121 -14.99 5.71 -28.01
N LYS B 122 -14.05 5.07 -28.71
CA LYS B 122 -13.62 3.70 -28.35
C LYS B 122 -12.23 3.82 -27.71
N PRO B 123 -12.07 3.20 -26.52
CA PRO B 123 -10.79 3.19 -25.84
C PRO B 123 -9.77 2.41 -26.67
N MET B 124 -8.64 3.03 -27.01
CA MET B 124 -7.63 2.40 -27.87
C MET B 124 -6.30 2.16 -27.14
N LEU B 125 -5.89 3.13 -26.35
CA LEU B 125 -4.69 3.02 -25.52
C LEU B 125 -5.01 3.56 -24.16
N SER B 126 -4.44 2.92 -23.13
CA SER B 126 -4.49 3.37 -21.73
C SER B 126 -3.17 3.17 -21.02
N TYR B 127 -2.83 4.10 -20.14
CA TYR B 127 -1.61 4.04 -19.36
C TYR B 127 -1.94 4.34 -17.91
N VAL B 128 -1.37 3.55 -16.99
CA VAL B 128 -1.31 3.95 -15.60
C VAL B 128 0.13 3.83 -15.16
N TYR B 129 0.75 4.97 -14.89
CA TYR B 129 2.17 4.96 -14.59
C TYR B 129 2.42 5.11 -13.09
N ASP B 130 2.82 4.02 -12.45
CA ASP B 130 3.16 4.05 -11.03
C ASP B 130 4.59 4.53 -10.97
N TYR B 131 4.78 5.83 -11.06
CA TYR B 131 6.11 6.43 -11.11
C TYR B 131 7.00 6.10 -9.87
N PRO B 132 6.42 6.14 -8.64
CA PRO B 132 7.29 5.78 -7.48
C PRO B 132 7.84 4.35 -7.47
N HIS B 133 7.10 3.37 -8.01
CA HIS B 133 7.64 1.99 -8.11
C HIS B 133 8.08 1.64 -9.49
N LYS B 134 8.20 2.63 -10.36
CA LYS B 134 8.78 2.36 -11.66
C LYS B 134 7.99 1.31 -12.45
N LYS B 135 6.67 1.31 -12.28
CA LYS B 135 5.83 0.35 -12.96
C LYS B 135 4.85 1.05 -13.89
N LEU B 136 5.05 0.82 -15.19
CA LEU B 136 4.14 1.32 -16.21
C LEU B 136 3.21 0.22 -16.66
N TYR B 137 1.93 0.44 -16.43
CA TYR B 137 0.90 -0.44 -16.92
C TYR B 137 0.35 0.11 -18.20
N LYS B 138 0.32 -0.69 -19.26
CA LYS B 138 -0.24 -0.18 -20.49
C LYS B 138 -1.22 -1.12 -21.11
N ALA B 139 -2.28 -0.55 -21.69
CA ALA B 139 -3.26 -1.34 -22.39
C ALA B 139 -3.33 -0.90 -23.85
N ILE B 140 -3.25 -1.90 -24.73
CA ILE B 140 -3.30 -1.64 -26.17
C ILE B 140 -4.30 -2.58 -26.80
N ARG B 141 -5.29 -1.99 -27.48
CA ARG B 141 -6.30 -2.75 -28.21
C ARG B 141 -5.58 -3.45 -29.34
N GLY B 142 -5.80 -4.75 -29.48
CA GLY B 142 -5.14 -5.56 -30.51
C GLY B 142 -3.93 -6.35 -29.99
N GLU B 143 -3.44 -5.98 -28.83
CA GLU B 143 -2.22 -6.57 -28.28
C GLU B 143 -2.45 -7.17 -26.89
N GLY B 144 -3.06 -6.41 -25.98
CA GLY B 144 -3.29 -6.87 -24.60
C GLY B 144 -2.89 -5.82 -23.58
N ALA B 145 -2.72 -6.26 -22.34
CA ALA B 145 -2.27 -5.39 -21.26
C ALA B 145 -0.89 -5.84 -20.83
N PHE B 146 -0.10 -4.90 -20.31
CA PHE B 146 1.27 -5.16 -19.96
C PHE B 146 1.68 -4.36 -18.75
N CYS B 147 2.70 -4.86 -18.06
CA CYS B 147 3.29 -4.10 -16.99
C CYS B 147 4.78 -4.20 -17.22
N ASN B 148 5.42 -3.04 -17.38
CA ASN B 148 6.77 -2.96 -17.91
C ASN B 148 6.99 -3.85 -19.11
N GLY B 149 5.97 -4.01 -19.95
CA GLY B 149 6.09 -4.81 -21.16
C GLY B 149 5.89 -6.32 -21.03
N ILE B 150 5.64 -6.83 -19.83
CA ILE B 150 5.33 -8.26 -19.68
C ILE B 150 3.80 -8.43 -19.54
N LYS B 151 3.25 -9.33 -20.36
CA LYS B 151 1.80 -9.44 -20.58
C LYS B 151 1.03 -9.85 -19.33
N MET B 152 -0.02 -9.08 -19.03
CA MET B 152 -0.90 -9.35 -17.88
C MET B 152 -2.03 -10.24 -18.36
N GLU B 153 -2.32 -11.28 -17.59
CA GLU B 153 -3.41 -12.15 -17.99
C GLU B 153 -4.63 -11.82 -17.14
N GLU B 154 -5.79 -12.28 -17.61
CA GLU B 154 -7.00 -12.28 -16.82
C GLU B 154 -6.69 -12.83 -15.41
N PRO B 155 -7.04 -12.06 -14.37
CA PRO B 155 -6.88 -12.64 -13.02
C PRO B 155 -7.75 -13.88 -12.86
N PRO B 156 -7.36 -14.83 -11.99
CA PRO B 156 -8.23 -15.94 -11.58
C PRO B 156 -9.49 -15.45 -10.88
N SER B 157 -10.58 -16.24 -10.97
CA SER B 157 -11.83 -15.92 -10.27
C SER B 157 -11.62 -15.59 -8.81
N LEU B 158 -12.26 -14.52 -8.34
CA LEU B 158 -12.23 -14.16 -6.92
C LEU B 158 -13.64 -13.94 -6.37
N LYS B 159 -14.11 -14.88 -5.56
CA LYS B 159 -15.33 -14.63 -4.77
C LYS B 159 -15.07 -13.62 -3.66
N LEU B 160 -16.10 -12.86 -3.25
CA LEU B 160 -15.91 -11.77 -2.30
C LEU B 160 -15.26 -12.21 -0.97
N GLU B 161 -15.69 -13.33 -0.44
CA GLU B 161 -15.15 -13.85 0.81
C GLU B 161 -13.67 -14.27 0.69
N ASP B 162 -13.17 -14.41 -0.54
CA ASP B 162 -11.77 -14.81 -0.77
C ASP B 162 -10.87 -13.64 -1.17
N ALA B 163 -11.44 -12.45 -1.28
CA ALA B 163 -10.72 -11.30 -1.81
C ALA B 163 -10.57 -10.13 -0.84
N ILE B 164 -9.52 -9.37 -1.09
CA ILE B 164 -9.30 -8.09 -0.43
C ILE B 164 -9.99 -7.00 -1.22
N ILE B 165 -10.69 -6.13 -0.53
CA ILE B 165 -11.35 -5.05 -1.19
C ILE B 165 -10.87 -3.73 -0.68
N SER B 166 -10.96 -2.75 -1.57
CA SER B 166 -10.50 -1.39 -1.37
C SER B 166 -11.65 -0.43 -1.70
N PHE B 167 -11.88 0.51 -0.77
CA PHE B 167 -12.79 1.63 -0.92
C PHE B 167 -12.47 2.70 0.10
N ASN B 168 -13.00 3.91 -0.13
CA ASN B 168 -12.99 4.94 0.94
C ASN B 168 -14.09 4.66 1.94
N ALA B 169 -13.70 4.16 3.10
CA ALA B 169 -14.66 3.86 4.15
C ALA B 169 -15.21 5.08 4.92
N GLN B 170 -14.69 6.30 4.69
CA GLN B 170 -15.09 7.52 5.47
C GLN B 170 -16.31 8.19 4.84
N VAL B 171 -16.80 7.61 3.77
CA VAL B 171 -17.70 8.31 2.88
C VAL B 171 -18.94 7.46 2.65
N MET B 172 -18.95 6.29 3.26
CA MET B 172 -20.09 5.36 3.23
C MET B 172 -20.72 5.22 4.61
N ASN B 173 -22.02 4.89 4.64
CA ASN B 173 -22.66 4.67 5.91
C ASN B 173 -22.12 3.42 6.61
N LEU B 174 -21.92 3.57 7.92
CA LEU B 174 -21.33 2.55 8.79
C LEU B 174 -21.82 1.12 8.59
N ASP B 175 -23.11 0.96 8.31
CA ASP B 175 -23.69 -0.36 8.10
C ASP B 175 -23.17 -0.96 6.80
N THR B 176 -22.93 -0.09 5.81
CA THR B 176 -22.45 -0.60 4.55
C THR B 176 -20.98 -0.94 4.73
N VAL B 177 -20.29 -0.08 5.47
CA VAL B 177 -18.92 -0.40 5.89
C VAL B 177 -18.80 -1.75 6.59
N GLN B 178 -19.59 -1.96 7.64
CA GLN B 178 -19.57 -3.21 8.39
C GLN B 178 -19.73 -4.42 7.50
N ASP B 179 -20.71 -4.36 6.61
CA ASP B 179 -21.10 -5.47 5.77
C ASP B 179 -20.04 -5.82 4.75
N LEU B 180 -19.33 -4.80 4.26
CA LEU B 180 -18.24 -5.06 3.34
C LEU B 180 -17.09 -5.75 4.10
N PHE B 181 -16.82 -5.31 5.33
CA PHE B 181 -15.75 -5.92 6.13
C PHE B 181 -16.07 -7.39 6.35
N ASP B 182 -17.31 -7.67 6.79
CA ASP B 182 -17.80 -9.04 7.04
C ASP B 182 -17.84 -9.97 5.82
N ALA B 183 -18.23 -9.45 4.66
CA ALA B 183 -18.37 -10.30 3.50
C ALA B 183 -17.06 -10.48 2.71
N SER B 184 -16.07 -9.61 2.92
CA SER B 184 -14.78 -9.76 2.22
C SER B 184 -13.70 -10.51 3.01
N PHE B 185 -12.62 -10.92 2.34
CA PHE B 185 -11.49 -11.52 3.06
C PHE B 185 -10.74 -10.49 3.93
N SER B 186 -10.43 -9.35 3.35
CA SER B 186 -9.81 -8.28 4.08
C SER B 186 -10.06 -6.96 3.39
N TYR B 187 -9.64 -5.89 4.02
CA TYR B 187 -9.76 -4.54 3.50
C TYR B 187 -8.37 -3.94 3.42
N ARG B 188 -8.08 -3.23 2.33
CA ARG B 188 -6.83 -2.46 2.21
C ARG B 188 -7.18 -1.18 1.50
N LEU B 189 -6.24 -0.23 1.49
CA LEU B 189 -6.40 1.00 0.69
C LEU B 189 -5.06 1.61 0.34
N VAL B 190 -4.79 1.80 -0.94
CA VAL B 190 -3.57 2.51 -1.40
C VAL B 190 -3.80 4.03 -1.46
N GLY B 191 -4.94 4.48 -2.02
CA GLY B 191 -5.33 5.87 -1.96
C GLY B 191 -5.17 6.63 -3.25
N ALA B 192 -4.88 5.90 -4.32
CA ALA B 192 -4.90 6.47 -5.65
C ALA B 192 -5.76 5.56 -6.47
N CYS B 193 -6.89 6.11 -6.94
CA CYS B 193 -7.80 5.38 -7.83
C CYS B 193 -7.09 4.56 -8.88
N GLY B 194 -6.11 5.15 -9.55
CA GLY B 194 -5.33 4.43 -10.57
C GLY B 194 -4.58 3.19 -10.06
N LEU B 195 -3.97 3.30 -8.89
CA LEU B 195 -3.24 2.17 -8.28
C LEU B 195 -4.16 1.08 -7.62
N ASP B 196 -5.21 1.49 -6.91
CA ASP B 196 -6.16 0.55 -6.35
C ASP B 196 -6.81 -0.23 -7.46
N SER B 197 -7.01 0.43 -8.61
CA SER B 197 -7.59 -0.21 -9.79
C SER B 197 -6.64 -1.20 -10.43
N MET B 198 -5.35 -0.87 -10.57
CA MET B 198 -4.40 -1.87 -11.06
C MET B 198 -4.31 -3.13 -10.14
N ARG B 199 -4.53 -2.96 -8.84
CA ARG B 199 -4.48 -4.12 -7.94
C ARG B 199 -5.61 -5.10 -8.23
N VAL B 200 -6.76 -4.55 -8.64
CA VAL B 200 -7.86 -5.37 -9.14
C VAL B 200 -7.47 -6.06 -10.46
N ALA B 201 -7.08 -5.28 -11.45
CA ALA B 201 -6.61 -5.85 -12.70
C ALA B 201 -5.56 -6.92 -12.45
N LYS B 202 -4.72 -6.74 -11.43
CA LYS B 202 -3.65 -7.74 -11.18
C LYS B 202 -4.05 -8.99 -10.39
N GLY B 203 -5.30 -9.05 -9.91
CA GLY B 203 -5.72 -10.16 -9.05
C GLY B 203 -5.42 -9.99 -7.55
N GLN B 204 -4.81 -8.87 -7.19
CA GLN B 204 -4.42 -8.56 -5.79
C GLN B 204 -5.60 -8.13 -4.90
N PHE B 205 -6.47 -7.32 -5.50
CA PHE B 205 -7.73 -6.92 -4.89
C PHE B 205 -8.86 -7.57 -5.67
N GLY B 206 -9.97 -7.91 -5.01
CA GLY B 206 -11.18 -8.35 -5.71
C GLY B 206 -12.03 -7.19 -6.27
N ALA B 207 -11.94 -6.02 -5.64
CA ALA B 207 -12.66 -4.87 -6.16
C ALA B 207 -12.15 -3.59 -5.56
N HIS B 208 -12.29 -2.53 -6.36
CA HIS B 208 -12.04 -1.19 -5.87
C HIS B 208 -13.29 -0.35 -6.09
N ILE B 209 -13.69 0.47 -5.12
CA ILE B 209 -14.84 1.34 -5.33
C ILE B 209 -14.52 2.84 -5.14
N ASN B 210 -15.02 3.67 -6.06
CA ASN B 210 -14.92 5.11 -5.94
C ASN B 210 -16.32 5.71 -6.12
N THR B 211 -16.73 6.40 -5.07
CA THR B 211 -18.09 6.92 -4.90
C THR B 211 -18.26 8.28 -5.61
N ASN B 212 -17.15 8.87 -6.10
CA ASN B 212 -17.24 10.18 -6.78
C ASN B 212 -16.05 10.56 -7.68
N PRO B 213 -15.77 9.74 -8.71
CA PRO B 213 -14.58 9.99 -9.54
C PRO B 213 -14.86 11.09 -10.53
N LYS B 214 -13.82 11.70 -11.06
CA LYS B 214 -13.96 12.56 -12.22
C LYS B 214 -13.66 11.64 -13.40
N PRO B 215 -13.92 12.08 -14.63
CA PRO B 215 -13.62 11.16 -15.73
C PRO B 215 -12.14 10.74 -15.82
N TRP B 216 -11.21 11.64 -15.50
CA TRP B 216 -9.79 11.32 -15.46
C TRP B 216 -9.36 10.37 -14.32
N ASP B 217 -10.20 10.19 -13.31
CA ASP B 217 -9.89 9.24 -12.23
C ASP B 217 -9.99 7.81 -12.73
N ILE B 218 -10.78 7.56 -13.79
CA ILE B 218 -11.11 6.18 -14.25
C ILE B 218 -10.95 5.88 -15.76
N ALA B 219 -10.49 6.86 -16.52
CA ALA B 219 -10.42 6.78 -17.97
C ALA B 219 -9.52 5.66 -18.57
N ALA B 220 -8.30 5.54 -18.06
CA ALA B 220 -7.43 4.44 -18.40
C ALA B 220 -8.11 3.10 -18.16
N GLN B 221 -8.82 3.01 -17.02
CA GLN B 221 -9.41 1.76 -16.54
C GLN B 221 -10.26 0.95 -17.51
N PHE B 222 -11.00 1.61 -18.40
CA PHE B 222 -11.91 0.91 -19.36
C PHE B 222 -11.25 -0.18 -20.23
N LEU B 223 -10.11 0.15 -20.83
CA LEU B 223 -9.48 -0.80 -21.70
C LEU B 223 -8.84 -1.95 -20.92
N PHE B 224 -8.32 -1.68 -19.74
CA PHE B 224 -7.83 -2.78 -18.91
C PHE B 224 -8.99 -3.71 -18.50
N ALA B 225 -10.12 -3.14 -18.12
CA ALA B 225 -11.27 -3.94 -17.72
C ALA B 225 -11.75 -4.79 -18.91
N GLU B 226 -11.77 -4.16 -20.09
CA GLU B 226 -12.16 -4.91 -21.28
C GLU B 226 -11.17 -6.07 -21.59
N LEU B 227 -9.88 -5.74 -21.65
CA LEU B 227 -8.85 -6.67 -22.11
C LEU B 227 -8.54 -7.78 -21.11
N LEU B 228 -8.78 -7.51 -19.83
CA LEU B 228 -8.56 -8.46 -18.73
C LEU B 228 -9.87 -9.01 -18.13
N ASN B 229 -10.98 -8.84 -18.86
CA ASN B 229 -12.28 -9.43 -18.50
C ASN B 229 -12.69 -9.04 -17.07
N LEU B 230 -12.54 -7.75 -16.74
CA LEU B 230 -13.08 -7.25 -15.47
C LEU B 230 -14.49 -6.61 -15.68
N LYS B 231 -15.21 -6.44 -14.59
CA LYS B 231 -16.37 -5.60 -14.60
C LYS B 231 -15.98 -4.23 -14.11
N MET B 232 -16.37 -3.24 -14.90
CA MET B 232 -16.28 -1.87 -14.53
C MET B 232 -17.61 -1.27 -14.92
N THR B 233 -18.32 -0.78 -13.89
CA THR B 233 -19.67 -0.28 -14.08
C THR B 233 -19.94 0.79 -13.03
N THR B 234 -21.10 1.40 -13.14
CA THR B 234 -21.61 2.28 -12.12
C THR B 234 -22.00 1.39 -10.96
N LEU B 235 -22.26 2.02 -9.82
CA LEU B 235 -22.72 1.30 -8.63
C LEU B 235 -24.18 0.85 -8.76
N ASP B 236 -24.85 1.28 -9.84
CA ASP B 236 -26.17 0.75 -10.18
C ASP B 236 -26.08 -0.26 -11.30
N GLY B 237 -24.87 -0.74 -11.55
CA GLY B 237 -24.64 -1.82 -12.50
C GLY B 237 -24.49 -1.36 -13.94
N LYS B 238 -24.70 -0.08 -14.20
CA LYS B 238 -24.78 0.41 -15.58
C LYS B 238 -23.41 0.73 -16.17
N ALA B 239 -23.33 0.80 -17.50
CA ALA B 239 -22.14 1.27 -18.23
C ALA B 239 -21.87 2.74 -17.92
N ILE B 240 -20.59 3.06 -17.71
CA ILE B 240 -20.12 4.41 -17.38
C ILE B 240 -19.81 5.21 -18.64
N ASP B 241 -20.25 6.48 -18.64
CA ASP B 241 -19.86 7.48 -19.63
C ASP B 241 -18.45 8.04 -19.32
N HIS B 242 -17.48 7.78 -20.18
CA HIS B 242 -16.10 8.17 -19.91
C HIS B 242 -15.92 9.67 -19.88
N LEU B 243 -16.83 10.38 -20.52
CA LEU B 243 -16.79 11.82 -20.61
C LEU B 243 -17.34 12.50 -19.34
N LYS B 244 -18.08 11.76 -18.52
CA LYS B 244 -18.79 12.40 -17.43
C LYS B 244 -18.45 11.83 -16.08
N GLY B 245 -18.40 10.49 -15.98
CA GLY B 245 -17.97 9.83 -14.77
C GLY B 245 -19.10 9.73 -13.77
N ALA B 246 -19.00 8.73 -12.90
CA ALA B 246 -20.08 8.29 -12.07
C ALA B 246 -19.55 7.53 -10.85
N PRO B 247 -20.34 7.42 -9.77
CA PRO B 247 -19.93 6.56 -8.68
C PRO B 247 -19.69 5.16 -9.27
N PHE B 248 -18.49 4.59 -9.06
CA PHE B 248 -17.95 3.53 -9.93
C PHE B 248 -17.36 2.34 -9.20
N ILE B 249 -17.39 1.18 -9.85
CA ILE B 249 -16.71 -0.04 -9.39
C ILE B 249 -15.92 -0.64 -10.52
N ILE B 250 -14.71 -1.10 -10.17
CA ILE B 250 -13.92 -1.99 -11.01
C ILE B 250 -13.71 -3.28 -10.18
N SER B 251 -13.98 -4.42 -10.78
CA SER B 251 -14.08 -5.59 -9.98
C SER B 251 -13.73 -6.80 -10.76
N ASN B 252 -13.18 -7.79 -10.04
CA ASN B 252 -13.13 -9.19 -10.49
C ASN B 252 -14.54 -9.63 -10.76
N LYS B 253 -14.68 -10.43 -11.81
CA LYS B 253 -15.96 -10.90 -12.26
C LYS B 253 -16.72 -11.74 -11.22
N ALA B 254 -15.99 -12.48 -10.39
CA ALA B 254 -16.66 -13.40 -9.47
C ALA B 254 -17.19 -12.70 -8.19
N CYS B 255 -16.89 -11.41 -8.03
CA CYS B 255 -17.37 -10.68 -6.85
C CYS B 255 -18.01 -9.32 -7.20
N HIS B 256 -18.25 -9.10 -8.48
CA HIS B 256 -18.82 -7.83 -8.94
C HIS B 256 -20.21 -7.70 -8.35
N GLU B 257 -21.05 -8.71 -8.62
CA GLU B 257 -22.49 -8.65 -8.27
C GLU B 257 -22.73 -8.58 -6.76
N THR B 258 -21.93 -9.31 -6.00
CA THR B 258 -22.05 -9.35 -4.55
C THR B 258 -21.69 -8.01 -3.86
N VAL B 259 -20.62 -7.36 -4.31
CA VAL B 259 -20.28 -6.01 -3.82
C VAL B 259 -21.37 -4.98 -4.11
N LEU B 260 -21.86 -4.95 -5.35
CA LEU B 260 -23.00 -4.07 -5.69
C LEU B 260 -24.19 -4.37 -4.79
N LYS B 261 -24.44 -5.64 -4.55
CA LYS B 261 -25.60 -6.00 -3.73
C LYS B 261 -25.45 -5.49 -2.29
N ILE B 262 -24.24 -5.58 -1.74
CA ILE B 262 -23.99 -5.01 -0.42
C ILE B 262 -24.12 -3.49 -0.45
N LEU B 263 -23.54 -2.86 -1.44
CA LEU B 263 -23.63 -1.40 -1.53
C LEU B 263 -25.10 -0.90 -1.57
N ASN B 264 -25.93 -1.51 -2.43
CA ASN B 264 -27.30 -1.02 -2.67
C ASN B 264 -28.34 -1.47 -1.68
N ALA B 265 -27.99 -2.43 -0.82
CA ALA B 265 -28.90 -3.03 0.17
C ALA B 265 -29.35 -2.02 1.22
N ASN B 266 -30.46 -2.34 1.88
CA ASN B 266 -30.99 -1.54 3.00
C ASN B 266 -30.95 -0.05 2.70
N GLY B 267 -31.39 0.34 1.50
CA GLY B 267 -31.48 1.74 1.10
C GLY B 267 -30.21 2.46 0.66
N GLY B 268 -29.16 1.73 0.30
CA GLY B 268 -27.98 2.37 -0.29
C GLY B 268 -26.82 2.63 0.64
N TYR B 269 -25.72 3.12 0.04
CA TYR B 269 -24.39 3.19 0.64
C TYR B 269 -24.02 4.57 1.19
N GLN B 270 -24.78 5.58 0.78
CA GLN B 270 -24.49 6.94 1.16
C GLN B 270 -24.52 7.19 2.68
N LYS B 271 -23.58 8.01 3.12
CA LYS B 271 -23.41 8.38 4.51
C LYS B 271 -24.19 9.65 4.81
N TYR B 272 -24.90 9.62 5.93
CA TYR B 272 -25.65 10.74 6.41
C TYR B 272 -25.42 10.85 7.90
N ARG B 273 -25.14 12.08 8.35
CA ARG B 273 -24.95 12.40 9.76
C ARG B 273 -23.54 12.01 10.26
CA CA C . 3.28 -10.61 11.57
O1 SRT D . -0.36 -11.19 8.35
O11 SRT D . 1.61 -11.31 9.36
C1 SRT D . 0.37 -11.53 9.31
C2 SRT D . -0.33 -12.27 10.42
O2 SRT D . 0.22 -13.60 10.54
C3 SRT D . -0.22 -11.52 11.76
O3 SRT D . 0.25 -10.19 11.53
C4 SRT D . -1.55 -11.47 12.49
O4 SRT D . -1.58 -11.97 13.65
O41 SRT D . -2.55 -10.93 11.96
K K E . -12.62 5.48 21.90
K K F . -10.70 13.98 8.67
CA CA G . 3.73 -13.52 10.12
O1 SRT H . -2.58 -8.41 14.94
O11 SRT H . -2.84 -7.81 12.81
C1 SRT H . -3.19 -7.80 14.02
C2 SRT H . -4.40 -7.02 14.39
O2 SRT H . -4.36 -5.75 13.71
C3 SRT H . -5.68 -7.82 14.08
O3 SRT H . -5.75 -8.29 12.72
C4 SRT H . -5.75 -9.02 14.97
O4 SRT H . -5.63 -10.14 14.44
O41 SRT H . -5.91 -8.88 16.20
K K I . -25.91 -0.60 1.86
CA CA J . -7.38 11.80 -9.24
O1 SRT K . -9.87 16.05 -7.73
O11 SRT K . -10.14 15.48 -5.64
C1 SRT K . -9.41 15.62 -6.64
C2 SRT K . -7.94 15.28 -6.56
O2 SRT K . -7.24 16.37 -5.96
C3 SRT K . -7.65 13.98 -5.78
O3 SRT K . -8.81 13.58 -5.05
C4 SRT K . -7.36 12.87 -6.74
O4 SRT K . -8.28 12.60 -7.53
O41 SRT K . -6.24 12.25 -6.70
#